data_7JUD
#
_entry.id   7JUD
#
_cell.length_a   30.137
_cell.length_b   37.836
_cell.length_c   55.065
_cell.angle_alpha   94.080
_cell.angle_beta   99.630
_cell.angle_gamma   104.980
#
_symmetry.space_group_name_H-M   'P 1'
#
loop_
_entity.id
_entity.type
_entity.pdbx_description
1 polymer 'Macrophage mannose receptor 1'
2 non-polymer 'CALCIUM ION'
3 non-polymer 'methyl alpha-D-mannopyranoside'
4 water water
#
_entity_poly.entity_id   1
_entity_poly.type   'polypeptide(L)'
_entity_poly.pdbx_seq_one_letter_code
;ACPEDWGASSRTSLCFKLYAKGKHEKKTWFESRDFCRALGGDLASINNKEEQQTIWRLITASGSYHKLFWLGLTYGSPSE
GFTWSDGSPVSYENWAYGEPNNYQNVEYCGELKGDPTMSWNDINCEHLNNWICQI
;
_entity_poly.pdbx_strand_id   A,B
#
# COMPACT_ATOMS: atom_id res chain seq x y z
N LEU A 14 -8.22 -17.97 -11.53
CA LEU A 14 -7.10 -18.37 -12.35
C LEU A 14 -6.27 -19.47 -11.69
N CYS A 15 -5.55 -20.22 -12.52
CA CYS A 15 -4.71 -21.33 -12.09
C CYS A 15 -3.26 -20.86 -12.05
N PHE A 16 -2.58 -21.12 -10.94
CA PHE A 16 -1.17 -20.77 -10.82
C PHE A 16 -0.29 -21.95 -11.20
N LYS A 17 0.83 -21.65 -11.86
CA LYS A 17 1.78 -22.67 -12.26
C LYS A 17 3.18 -22.20 -11.93
N LEU A 18 3.94 -23.04 -11.22
CA LEU A 18 5.30 -22.72 -10.84
C LEU A 18 6.24 -23.08 -11.96
N TYR A 19 7.21 -22.21 -12.21
CA TYR A 19 8.30 -22.48 -13.15
C TYR A 19 9.60 -22.40 -12.36
N ALA A 20 9.98 -23.53 -11.77
CA ALA A 20 11.23 -23.67 -11.03
C ALA A 20 12.27 -24.22 -12.00
N LYS A 21 13.25 -23.39 -12.35
CA LYS A 21 14.16 -23.68 -13.44
C LYS A 21 15.59 -23.71 -12.96
N GLY A 22 16.42 -24.50 -13.62
CA GLY A 22 17.85 -24.38 -13.46
C GLY A 22 18.34 -23.09 -14.08
N LYS A 23 19.62 -22.80 -13.84
CA LYS A 23 20.23 -21.57 -14.36
C LYS A 23 20.00 -21.37 -15.85
N HIS A 24 20.08 -22.45 -16.65
CA HIS A 24 19.90 -22.34 -18.09
C HIS A 24 18.56 -21.72 -18.44
N GLU A 25 17.52 -21.96 -17.63
CA GLU A 25 16.16 -21.58 -17.98
C GLU A 25 15.57 -20.46 -17.13
N LYS A 26 16.34 -19.90 -16.21
CA LYS A 26 15.84 -18.78 -15.42
C LYS A 26 15.69 -17.53 -16.29
N LYS A 27 14.86 -16.59 -15.82
CA LYS A 27 14.48 -15.45 -16.65
C LYS A 27 14.48 -14.15 -15.85
N THR A 28 14.71 -13.05 -16.57
CA THR A 28 14.51 -11.74 -15.96
C THR A 28 13.01 -11.49 -15.75
N TRP A 29 12.68 -10.39 -15.06
CA TRP A 29 11.27 -10.09 -14.83
C TRP A 29 10.53 -9.91 -16.14
N PHE A 30 11.10 -9.13 -17.07
CA PHE A 30 10.42 -8.88 -18.33
C PHE A 30 10.32 -10.13 -19.17
N GLU A 31 11.36 -10.96 -19.17
CA GLU A 31 11.30 -12.23 -19.90
C GLU A 31 10.23 -13.14 -19.32
N SER A 32 10.10 -13.17 -18.00
CA SER A 32 9.08 -14.00 -17.37
C SER A 32 7.69 -13.49 -17.70
N ARG A 33 7.48 -12.17 -17.63
CA ARG A 33 6.21 -11.60 -18.03
C ARG A 33 5.85 -11.98 -19.46
N ASP A 34 6.81 -11.82 -20.38
CA ASP A 34 6.53 -12.14 -21.77
C ASP A 34 6.21 -13.61 -21.97
N PHE A 35 6.91 -14.49 -21.25
CA PHE A 35 6.65 -15.92 -21.34
C PHE A 35 5.22 -16.24 -20.89
N CYS A 36 4.81 -15.70 -19.75
CA CYS A 36 3.47 -16.02 -19.24
C CYS A 36 2.41 -15.46 -20.16
N ARG A 37 2.62 -14.26 -20.69
CA ARG A 37 1.63 -13.65 -21.59
C ARG A 37 1.55 -14.43 -22.90
N ALA A 38 2.68 -14.90 -23.42
CA ALA A 38 2.64 -15.66 -24.67
C ALA A 38 1.81 -16.93 -24.54
N LEU A 39 1.82 -17.56 -23.36
CA LEU A 39 1.04 -18.76 -23.14
C LEU A 39 -0.42 -18.47 -22.87
N GLY A 40 -0.81 -17.21 -22.69
CA GLY A 40 -2.21 -16.86 -22.54
C GLY A 40 -2.56 -16.26 -21.20
N GLY A 41 -1.56 -16.06 -20.34
CA GLY A 41 -1.82 -15.54 -19.02
C GLY A 41 -0.97 -14.34 -18.68
N ASP A 42 -0.37 -14.35 -17.48
CA ASP A 42 0.50 -13.28 -17.04
C ASP A 42 1.28 -13.81 -15.85
N LEU A 43 2.23 -13.01 -15.38
CA LEU A 43 2.84 -13.31 -14.10
C LEU A 43 1.77 -13.27 -13.02
N ALA A 44 1.96 -14.08 -11.98
CA ALA A 44 0.95 -14.23 -10.95
C ALA A 44 0.77 -12.97 -10.11
N SER A 45 -0.48 -12.63 -9.84
CA SER A 45 -0.82 -11.61 -8.86
CA SER A 45 -0.84 -11.60 -8.86
C SER A 45 -1.40 -12.29 -7.63
N ILE A 46 -0.97 -11.85 -6.46
CA ILE A 46 -1.43 -12.40 -5.19
C ILE A 46 -2.29 -11.32 -4.54
N ASN A 47 -3.61 -11.46 -4.64
CA ASN A 47 -4.52 -10.39 -4.24
C ASN A 47 -5.20 -10.62 -2.90
N ASN A 48 -4.93 -11.76 -2.25
CA ASN A 48 -5.51 -12.03 -0.94
C ASN A 48 -4.77 -13.21 -0.33
N LYS A 49 -5.07 -13.48 0.94
CA LYS A 49 -4.43 -14.57 1.66
C LYS A 49 -4.74 -15.93 1.04
N GLU A 50 -5.93 -16.08 0.44
CA GLU A 50 -6.28 -17.38 -0.13
C GLU A 50 -5.38 -17.71 -1.31
N GLU A 51 -5.16 -16.75 -2.21
N GLU A 51 -5.13 -16.75 -2.20
CA GLU A 51 -4.23 -16.95 -3.32
CA GLU A 51 -4.23 -17.01 -3.32
C GLU A 51 -2.84 -17.27 -2.79
C GLU A 51 -2.80 -17.22 -2.84
N GLN A 52 -2.39 -16.53 -1.77
CA GLN A 52 -1.08 -16.79 -1.18
C GLN A 52 -0.98 -18.22 -0.68
N GLN A 53 -2.00 -18.70 0.03
CA GLN A 53 -1.96 -20.05 0.58
C GLN A 53 -2.02 -21.09 -0.53
N THR A 54 -2.76 -20.81 -1.61
CA THR A 54 -2.77 -21.72 -2.76
C THR A 54 -1.37 -21.86 -3.35
N ILE A 55 -0.68 -20.74 -3.55
CA ILE A 55 0.67 -20.81 -4.12
C ILE A 55 1.63 -21.50 -3.16
N TRP A 56 1.52 -21.23 -1.85
CA TRP A 56 2.37 -21.92 -0.89
C TRP A 56 2.18 -23.44 -0.96
N ARG A 57 0.93 -23.88 -1.06
CA ARG A 57 0.72 -25.32 -1.16
C ARG A 57 1.32 -25.88 -2.44
N LEU A 58 1.24 -25.12 -3.53
CA LEU A 58 1.87 -25.54 -4.78
C LEU A 58 3.38 -25.66 -4.60
N ILE A 59 3.99 -24.70 -3.88
CA ILE A 59 5.42 -24.77 -3.59
C ILE A 59 5.75 -26.03 -2.78
N THR A 60 4.95 -26.34 -1.74
CA THR A 60 5.24 -27.55 -0.97
C THR A 60 5.06 -28.81 -1.80
N ALA A 61 4.03 -28.85 -2.64
CA ALA A 61 3.76 -30.06 -3.43
C ALA A 61 4.88 -30.34 -4.40
N SER A 62 5.59 -29.31 -4.87
CA SER A 62 6.67 -29.49 -5.82
C SER A 62 8.04 -29.60 -5.16
N GLY A 63 8.11 -29.54 -3.83
CA GLY A 63 9.39 -29.52 -3.17
C GLY A 63 10.21 -28.28 -3.42
N SER A 64 9.58 -27.18 -3.84
CA SER A 64 10.27 -25.93 -4.14
C SER A 64 10.44 -25.03 -2.92
N TYR A 65 10.54 -25.62 -1.72
CA TYR A 65 10.58 -24.82 -0.49
C TYR A 65 11.75 -23.83 -0.55
N HIS A 66 11.47 -22.58 -0.17
CA HIS A 66 12.44 -21.51 -0.01
C HIS A 66 12.99 -20.96 -1.31
N LYS A 67 12.54 -21.45 -2.46
CA LYS A 67 13.01 -20.86 -3.72
C LYS A 67 12.37 -19.49 -3.91
N LEU A 68 13.02 -18.68 -4.76
CA LEU A 68 12.56 -17.34 -5.09
C LEU A 68 11.87 -17.35 -6.45
N PHE A 69 10.79 -16.58 -6.58
CA PHE A 69 10.03 -16.57 -7.83
C PHE A 69 9.63 -15.14 -8.16
N TRP A 70 9.74 -14.78 -9.43
CA TRP A 70 9.11 -13.53 -9.87
C TRP A 70 7.60 -13.62 -9.71
N LEU A 71 7.02 -12.55 -9.17
CA LEU A 71 5.59 -12.28 -9.26
C LEU A 71 5.37 -11.14 -10.24
N GLY A 72 4.12 -10.84 -10.50
CA GLY A 72 3.81 -9.75 -11.43
C GLY A 72 4.00 -8.34 -10.89
N LEU A 73 4.78 -8.16 -9.81
CA LEU A 73 4.98 -6.84 -9.21
C LEU A 73 6.00 -6.05 -10.02
N THR A 74 5.59 -4.87 -10.50
CA THR A 74 6.51 -3.97 -11.17
C THR A 74 6.13 -2.54 -10.80
N TYR A 75 7.14 -1.70 -10.63
CA TYR A 75 6.86 -0.31 -10.27
C TYR A 75 6.17 0.39 -11.43
N GLY A 76 5.13 1.15 -11.12
CA GLY A 76 4.50 2.01 -12.09
C GLY A 76 5.04 3.43 -12.00
N SER A 77 4.13 4.40 -12.06
CA SER A 77 4.51 5.78 -11.85
C SER A 77 4.88 5.99 -10.38
N PRO A 78 5.63 7.04 -10.06
CA PRO A 78 5.87 7.36 -8.64
C PRO A 78 4.58 7.46 -7.85
N SER A 79 3.52 7.96 -8.48
CA SER A 79 2.23 8.04 -7.79
C SER A 79 1.70 6.65 -7.47
N GLU A 80 1.63 5.77 -8.48
CA GLU A 80 1.04 4.44 -8.32
C GLU A 80 1.84 3.58 -7.35
N GLY A 81 3.16 3.70 -7.37
CA GLY A 81 3.99 2.73 -6.68
C GLY A 81 3.94 1.39 -7.42
N PHE A 82 4.07 0.31 -6.66
CA PHE A 82 4.04 -1.01 -7.26
C PHE A 82 2.65 -1.32 -7.80
N THR A 83 2.64 -2.01 -8.95
CA THR A 83 1.44 -2.44 -9.66
C THR A 83 1.56 -3.94 -9.96
N TRP A 84 0.44 -4.56 -10.31
CA TRP A 84 0.44 -5.92 -10.83
C TRP A 84 0.39 -5.86 -12.35
N SER A 85 1.20 -6.71 -12.99
CA SER A 85 1.27 -6.68 -14.44
CA SER A 85 1.29 -6.75 -14.44
C SER A 85 -0.08 -7.02 -15.08
N ASP A 86 -0.91 -7.82 -14.41
CA ASP A 86 -2.22 -8.18 -14.94
C ASP A 86 -3.28 -7.11 -14.73
N GLY A 87 -2.92 -5.99 -14.12
CA GLY A 87 -3.85 -4.89 -13.97
C GLY A 87 -4.73 -4.95 -12.75
N SER A 88 -4.61 -6.00 -11.93
CA SER A 88 -5.41 -6.06 -10.72
C SER A 88 -4.86 -5.06 -9.70
N PRO A 89 -5.71 -4.59 -8.79
CA PRO A 89 -5.25 -3.59 -7.81
C PRO A 89 -4.28 -4.21 -6.82
N VAL A 90 -3.28 -3.42 -6.42
CA VAL A 90 -2.37 -3.83 -5.33
C VAL A 90 -3.03 -3.36 -4.03
N SER A 91 -3.94 -4.18 -3.53
CA SER A 91 -4.61 -3.93 -2.27
C SER A 91 -3.98 -4.78 -1.15
N TYR A 92 -4.08 -6.09 -1.27
CA TYR A 92 -3.35 -6.97 -0.37
C TYR A 92 -1.85 -6.80 -0.60
N GLU A 93 -1.09 -6.77 0.48
CA GLU A 93 0.36 -6.76 0.38
C GLU A 93 0.95 -7.70 1.42
N ASN A 94 2.08 -8.30 1.06
CA ASN A 94 2.83 -9.14 1.98
C ASN A 94 4.32 -8.89 1.84
N TRP A 95 4.71 -7.61 1.76
CA TRP A 95 6.12 -7.27 1.74
C TRP A 95 6.82 -7.76 3.00
N ALA A 96 8.04 -8.28 2.83
CA ALA A 96 8.89 -8.56 3.97
C ALA A 96 9.11 -7.28 4.76
N TYR A 97 9.44 -7.44 6.04
CA TYR A 97 9.66 -6.29 6.90
C TYR A 97 10.75 -5.39 6.31
N GLY A 98 10.45 -4.09 6.21
CA GLY A 98 11.38 -3.13 5.66
C GLY A 98 11.31 -2.98 4.14
N GLU A 99 10.53 -3.79 3.47
CA GLU A 99 10.39 -3.75 2.02
C GLU A 99 9.08 -3.08 1.64
N PRO A 100 8.98 -2.54 0.42
CA PRO A 100 10.07 -2.40 -0.54
C PRO A 100 11.03 -1.29 -0.10
N ASN A 101 12.32 -1.50 -0.29
CA ASN A 101 13.31 -0.51 0.16
C ASN A 101 14.09 0.12 -0.98
N ASN A 102 13.84 -0.27 -2.23
CA ASN A 102 14.59 0.22 -3.39
C ASN A 102 16.08 0.30 -3.09
N TYR A 103 16.64 -0.83 -2.68
CA TYR A 103 18.04 -0.86 -2.28
C TYR A 103 18.93 -0.41 -3.42
N GLN A 104 19.76 0.59 -3.14
CA GLN A 104 20.70 1.18 -4.11
C GLN A 104 19.99 1.76 -5.32
N ASN A 105 18.69 2.04 -5.20
CA ASN A 105 17.91 2.76 -6.20
C ASN A 105 17.71 2.00 -7.49
N VAL A 106 17.81 0.67 -7.45
CA VAL A 106 17.76 -0.12 -8.68
C VAL A 106 16.75 -1.26 -8.62
N GLU A 107 15.82 -1.23 -7.66
CA GLU A 107 14.90 -2.35 -7.44
C GLU A 107 13.47 -1.97 -7.82
N TYR A 108 13.04 -2.40 -9.01
CA TYR A 108 11.73 -1.99 -9.51
C TYR A 108 10.80 -3.16 -9.83
N CYS A 109 11.16 -4.38 -9.43
CA CYS A 109 10.34 -5.56 -9.66
C CYS A 109 10.26 -6.35 -8.35
N GLY A 110 9.18 -7.13 -8.19
CA GLY A 110 8.93 -7.85 -6.95
C GLY A 110 9.10 -9.36 -7.11
N GLU A 111 9.79 -9.95 -6.13
CA GLU A 111 9.95 -11.40 -6.07
C GLU A 111 9.35 -11.94 -4.78
N LEU A 112 8.87 -13.18 -4.88
CA LEU A 112 8.33 -13.94 -3.76
C LEU A 112 9.42 -14.81 -3.17
N LYS A 113 9.55 -14.77 -1.85
CA LYS A 113 10.39 -15.71 -1.14
C LYS A 113 9.51 -16.90 -0.76
N GLY A 114 9.75 -18.03 -1.43
CA GLY A 114 8.87 -19.18 -1.30
C GLY A 114 9.06 -20.00 -0.04
N ASP A 115 9.13 -19.34 1.11
CA ASP A 115 9.17 -20.05 2.38
C ASP A 115 7.82 -19.84 3.06
N PRO A 116 7.55 -20.41 4.24
CA PRO A 116 6.21 -20.26 4.82
C PRO A 116 5.72 -18.84 4.96
N THR A 117 6.63 -17.86 5.10
CA THR A 117 6.22 -16.46 5.24
C THR A 117 5.63 -15.91 3.95
N MET A 118 6.03 -16.46 2.80
CA MET A 118 5.51 -16.04 1.49
C MET A 118 5.67 -14.52 1.28
N SER A 119 6.77 -13.97 1.77
CA SER A 119 6.95 -12.53 1.76
C SER A 119 7.51 -12.04 0.42
N TRP A 120 7.34 -10.75 0.17
CA TRP A 120 7.78 -10.14 -1.08
C TRP A 120 8.96 -9.22 -0.83
N ASN A 121 9.82 -9.11 -1.84
CA ASN A 121 10.95 -8.20 -1.78
C ASN A 121 11.12 -7.57 -3.15
N ASP A 122 11.39 -6.26 -3.18
CA ASP A 122 11.76 -5.63 -4.43
C ASP A 122 13.23 -5.88 -4.71
N ILE A 123 13.54 -6.17 -5.98
CA ILE A 123 14.89 -6.50 -6.42
CA ILE A 123 14.88 -6.52 -6.43
C ILE A 123 15.07 -5.99 -7.84
N ASN A 124 16.30 -6.03 -8.33
CA ASN A 124 16.63 -5.59 -9.67
C ASN A 124 15.90 -6.45 -10.70
N CYS A 125 15.21 -5.80 -11.63
CA CYS A 125 14.42 -6.48 -12.64
C CYS A 125 15.24 -7.39 -13.55
N GLU A 126 16.55 -7.16 -13.65
CA GLU A 126 17.40 -7.96 -14.52
C GLU A 126 17.89 -9.25 -13.87
N HIS A 127 17.59 -9.46 -12.59
CA HIS A 127 17.98 -10.70 -11.94
CA HIS A 127 17.96 -10.70 -11.91
C HIS A 127 17.33 -11.90 -12.61
N LEU A 128 18.08 -12.99 -12.69
CA LEU A 128 17.58 -14.22 -13.29
C LEU A 128 16.91 -15.06 -12.20
N ASN A 129 15.64 -15.40 -12.43
CA ASN A 129 14.83 -15.97 -11.36
C ASN A 129 13.92 -17.06 -11.91
N ASN A 130 13.38 -17.86 -10.99
CA ASN A 130 12.19 -18.64 -11.30
C ASN A 130 11.01 -17.68 -11.41
N TRP A 131 9.85 -18.21 -11.79
CA TRP A 131 8.68 -17.35 -11.89
C TRP A 131 7.43 -18.19 -11.69
N ILE A 132 6.30 -17.49 -11.48
CA ILE A 132 5.00 -18.12 -11.36
C ILE A 132 4.06 -17.45 -12.34
N CYS A 133 3.41 -18.25 -13.18
CA CYS A 133 2.39 -17.74 -14.07
C CYS A 133 1.00 -18.00 -13.50
N GLN A 134 0.05 -17.21 -13.99
CA GLN A 134 -1.36 -17.49 -13.83
C GLN A 134 -1.96 -17.64 -15.22
N ILE A 135 -2.93 -18.53 -15.35
CA ILE A 135 -3.56 -18.82 -16.64
C ILE A 135 -5.01 -19.20 -16.39
N ALA B 1 -19.13 -0.61 4.05
CA ALA B 1 -18.71 -1.50 2.98
C ALA B 1 -17.35 -1.11 2.44
N CYS B 2 -16.68 -2.05 1.79
CA CYS B 2 -15.31 -1.87 1.32
C CYS B 2 -15.15 -2.61 0.01
N PRO B 3 -14.19 -2.20 -0.83
CA PRO B 3 -13.81 -3.05 -1.96
C PRO B 3 -13.21 -4.34 -1.41
N GLU B 4 -13.33 -5.41 -2.17
CA GLU B 4 -12.74 -6.67 -1.73
C GLU B 4 -11.23 -6.49 -1.55
N ASP B 5 -10.72 -6.99 -0.44
CA ASP B 5 -9.30 -6.98 -0.08
C ASP B 5 -8.73 -5.59 0.22
N TRP B 6 -9.58 -4.58 0.42
CA TRP B 6 -9.13 -3.20 0.57
C TRP B 6 -9.78 -2.61 1.81
N GLY B 7 -8.98 -2.39 2.87
CA GLY B 7 -9.39 -1.57 3.99
C GLY B 7 -10.46 -2.16 4.92
N ALA B 8 -11.01 -1.28 5.75
CA ALA B 8 -12.06 -1.63 6.69
C ALA B 8 -13.01 -0.45 6.87
N SER B 9 -14.26 -0.75 7.25
CA SER B 9 -15.25 0.28 7.48
C SER B 9 -16.01 0.00 8.76
N SER B 10 -16.66 1.03 9.28
CA SER B 10 -17.60 0.85 10.38
C SER B 10 -18.96 0.49 9.81
N ARG B 11 -19.99 0.48 10.65
CA ARG B 11 -21.33 0.16 10.15
C ARG B 11 -21.81 1.21 9.15
N THR B 12 -21.41 2.48 9.33
CA THR B 12 -21.91 3.54 8.47
C THR B 12 -20.83 4.38 7.81
N SER B 13 -19.55 4.13 8.07
CA SER B 13 -18.51 5.00 7.54
C SER B 13 -18.12 4.58 6.12
N LEU B 14 -17.33 5.45 5.49
CA LEU B 14 -16.61 5.04 4.30
C LEU B 14 -15.55 4.00 4.66
N CYS B 15 -14.95 3.41 3.64
CA CYS B 15 -13.92 2.41 3.85
C CYS B 15 -12.56 3.11 3.92
N PHE B 16 -11.76 2.75 4.93
CA PHE B 16 -10.45 3.34 5.12
C PHE B 16 -9.35 2.31 4.90
N LYS B 17 -8.20 2.76 4.40
CA LYS B 17 -7.05 1.88 4.22
C LYS B 17 -5.76 2.64 4.54
N LEU B 18 -4.89 1.99 5.32
CA LEU B 18 -3.59 2.55 5.67
C LEU B 18 -2.59 2.32 4.54
N TYR B 19 -1.80 3.35 4.26
CA TYR B 19 -0.67 3.23 3.35
C TYR B 19 0.59 3.61 4.13
N ALA B 20 1.28 2.61 4.65
CA ALA B 20 2.47 2.81 5.45
C ALA B 20 3.69 2.44 4.60
N LYS B 21 4.63 3.36 4.50
CA LYS B 21 5.75 3.25 3.57
C LYS B 21 7.07 3.42 4.31
N GLU B 25 8.99 5.81 -0.23
CA GLU B 25 7.66 5.77 -0.82
C GLU B 25 6.65 6.63 -0.08
N LYS B 26 7.11 7.26 1.00
CA LYS B 26 6.28 8.25 1.67
C LYS B 26 6.03 9.43 0.73
N LYS B 27 4.94 10.14 0.99
CA LYS B 27 4.47 11.16 0.06
C LYS B 27 4.20 12.46 0.81
N THR B 28 4.27 13.57 0.06
CA THR B 28 3.79 14.83 0.57
C THR B 28 2.27 14.76 0.72
N TRP B 29 1.71 15.77 1.38
CA TRP B 29 0.25 15.80 1.53
C TRP B 29 -0.42 15.84 0.16
N PHE B 30 0.08 16.68 -0.74
CA PHE B 30 -0.53 16.80 -2.06
C PHE B 30 -0.42 15.50 -2.86
N GLU B 31 0.74 14.85 -2.80
CA GLU B 31 0.90 13.59 -3.52
C GLU B 31 -0.02 12.53 -2.95
N SER B 32 -0.21 12.53 -1.63
CA SER B 32 -1.12 11.57 -1.00
C SER B 32 -2.56 11.82 -1.41
N ARG B 33 -2.97 13.09 -1.41
CA ARG B 33 -4.30 13.44 -1.90
C ARG B 33 -4.49 12.94 -3.33
N ASP B 34 -3.53 13.23 -4.22
CA ASP B 34 -3.64 12.80 -5.61
C ASP B 34 -3.75 11.29 -5.69
N PHE B 35 -2.97 10.57 -4.89
CA PHE B 35 -3.01 9.10 -4.91
C PHE B 35 -4.40 8.58 -4.55
N CYS B 36 -4.97 9.10 -3.47
CA CYS B 36 -6.26 8.59 -3.02
C CYS B 36 -7.36 8.98 -4.01
N ARG B 37 -7.29 10.19 -4.57
CA ARG B 37 -8.26 10.57 -5.57
C ARG B 37 -8.16 9.74 -6.84
N ALA B 38 -6.94 9.33 -7.22
CA ALA B 38 -6.79 8.52 -8.42
C ALA B 38 -7.51 7.18 -8.29
N LEU B 39 -7.57 6.63 -7.08
CA LEU B 39 -8.28 5.38 -6.80
C LEU B 39 -9.79 5.55 -6.79
N GLY B 40 -10.29 6.79 -6.77
CA GLY B 40 -11.70 7.04 -6.67
C GLY B 40 -12.17 7.48 -5.30
N GLY B 41 -11.26 7.85 -4.40
CA GLY B 41 -11.60 8.27 -3.05
C GLY B 41 -10.94 9.60 -2.74
N ASP B 42 -10.45 9.71 -1.51
CA ASP B 42 -9.77 10.92 -1.05
C ASP B 42 -8.94 10.54 0.17
N LEU B 43 -8.15 11.49 0.65
CA LEU B 43 -7.56 11.31 1.97
C LEU B 43 -8.66 11.20 3.01
N ALA B 44 -8.40 10.43 4.05
CA ALA B 44 -9.44 10.13 5.04
C ALA B 44 -9.85 11.37 5.82
N SER B 45 -11.15 11.52 6.01
CA SER B 45 -11.69 12.46 6.99
CA SER B 45 -11.73 12.46 6.97
C SER B 45 -12.17 11.68 8.20
N ILE B 46 -11.88 12.22 9.39
CA ILE B 46 -12.30 11.61 10.65
C ILE B 46 -13.39 12.51 11.22
N ASN B 47 -14.64 12.10 10.99
CA ASN B 47 -15.81 12.92 11.26
C ASN B 47 -16.38 12.72 12.65
N ASN B 48 -15.96 11.68 13.36
CA ASN B 48 -16.54 11.37 14.67
C ASN B 48 -15.67 10.32 15.32
N LYS B 49 -16.00 10.00 16.58
CA LYS B 49 -15.22 9.01 17.31
C LYS B 49 -15.39 7.61 16.73
N GLU B 50 -16.51 7.33 16.08
CA GLU B 50 -16.68 6.02 15.45
C GLU B 50 -15.65 5.80 14.35
N GLU B 51 -15.44 6.81 13.51
CA GLU B 51 -14.45 6.67 12.45
C GLU B 51 -13.04 6.63 13.02
N GLN B 52 -12.79 7.41 14.07
CA GLN B 52 -11.50 7.33 14.74
C GLN B 52 -11.25 5.93 15.26
N GLN B 53 -12.25 5.31 15.88
CA GLN B 53 -12.13 3.94 16.39
C GLN B 53 -11.86 2.96 15.25
N THR B 54 -12.57 3.12 14.13
CA THR B 54 -12.36 2.23 13.00
C THR B 54 -10.92 2.30 12.51
N ILE B 55 -10.38 3.52 12.42
CA ILE B 55 -9.01 3.68 11.94
C ILE B 55 -8.01 3.16 12.97
N TRP B 56 -8.25 3.40 14.26
CA TRP B 56 -7.38 2.81 15.26
C TRP B 56 -7.40 1.30 15.19
N ARG B 57 -8.58 0.71 15.02
CA ARG B 57 -8.66 -0.75 14.91
C ARG B 57 -7.89 -1.25 13.70
N LEU B 58 -7.94 -0.52 12.58
CA LEU B 58 -7.13 -0.87 11.42
C LEU B 58 -5.65 -0.81 11.74
N ILE B 59 -5.23 0.20 12.52
CA ILE B 59 -3.84 0.27 12.94
C ILE B 59 -3.45 -0.96 13.76
N THR B 60 -4.31 -1.40 14.69
CA THR B 60 -3.97 -2.57 15.50
C THR B 60 -3.88 -3.82 14.63
N ALA B 61 -4.75 -3.93 13.63
CA ALA B 61 -4.70 -5.08 12.71
C ALA B 61 -3.41 -5.08 11.90
N SER B 62 -2.81 -3.91 11.69
CA SER B 62 -1.54 -3.84 10.97
C SER B 62 -0.35 -4.22 11.83
N GLY B 63 -0.49 -4.15 13.15
CA GLY B 63 0.59 -4.48 14.04
C GLY B 63 1.73 -3.49 14.08
N SER B 64 1.67 -2.43 13.26
CA SER B 64 2.72 -1.43 13.19
C SER B 64 2.24 -0.17 13.89
N TYR B 65 3.00 0.31 14.86
CA TYR B 65 2.58 1.37 15.75
C TYR B 65 3.50 2.57 15.63
N HIS B 66 3.06 3.67 16.25
CA HIS B 66 3.80 4.93 16.36
C HIS B 66 3.99 5.67 15.04
N LYS B 67 3.32 5.24 13.97
CA LYS B 67 3.53 5.88 12.68
C LYS B 67 2.64 7.12 12.54
N LEU B 68 3.10 8.04 11.71
CA LEU B 68 2.38 9.26 11.39
C LEU B 68 1.74 9.11 10.02
N PHE B 69 0.51 9.59 9.89
CA PHE B 69 -0.25 9.42 8.65
C PHE B 69 -0.87 10.76 8.25
N TRP B 70 -0.75 11.12 6.96
CA TRP B 70 -1.57 12.20 6.46
C TRP B 70 -3.05 11.84 6.56
N LEU B 71 -3.85 12.79 7.02
CA LEU B 71 -5.30 12.81 6.87
C LEU B 71 -5.66 13.88 5.86
N GLY B 72 -6.96 13.97 5.55
CA GLY B 72 -7.43 14.99 4.63
C GLY B 72 -7.50 16.40 5.18
N LEU B 73 -6.90 16.67 6.33
CA LEU B 73 -6.90 18.00 6.94
C LEU B 73 -6.03 18.97 6.14
N THR B 74 -6.63 20.05 5.67
CA THR B 74 -5.87 21.06 4.94
C THR B 74 -6.47 22.42 5.24
N TYR B 75 -5.60 23.42 5.33
CA TYR B 75 -6.09 24.76 5.61
C TYR B 75 -6.88 25.27 4.41
N GLY B 76 -8.05 25.83 4.67
CA GLY B 76 -8.85 26.41 3.62
C GLY B 76 -8.45 27.85 3.33
N SER B 77 -9.44 28.71 3.08
CA SER B 77 -9.18 30.12 2.92
C SER B 77 -8.60 30.67 4.21
N PRO B 78 -7.91 31.82 4.14
CA PRO B 78 -7.33 32.39 5.37
C PRO B 78 -8.33 32.57 6.51
N SER B 79 -9.61 32.79 6.21
CA SER B 79 -10.59 33.02 7.25
C SER B 79 -11.28 31.76 7.73
N GLU B 80 -11.36 30.71 6.91
CA GLU B 80 -12.16 29.55 7.27
C GLU B 80 -11.41 28.51 8.11
N GLY B 81 -10.09 28.53 8.11
CA GLY B 81 -9.36 27.57 8.91
C GLY B 81 -9.31 26.20 8.27
N PHE B 82 -9.10 25.18 9.11
CA PHE B 82 -8.91 23.83 8.59
C PHE B 82 -10.20 23.26 8.02
N THR B 83 -10.05 22.52 6.92
CA THR B 83 -11.12 21.87 6.20
C THR B 83 -10.71 20.42 5.93
N TRP B 84 -11.67 19.61 5.52
CA TRP B 84 -11.41 18.26 5.04
C TRP B 84 -11.35 18.27 3.52
N SER B 85 -10.35 17.57 2.97
CA SER B 85 -10.22 17.55 1.52
CA SER B 85 -10.19 17.48 1.52
C SER B 85 -11.47 17.03 0.83
N ASP B 86 -12.21 16.11 1.46
CA ASP B 86 -13.42 15.57 0.84
C ASP B 86 -14.64 16.49 1.00
N GLY B 87 -14.48 17.65 1.65
CA GLY B 87 -15.53 18.64 1.74
C GLY B 87 -16.39 18.55 2.99
N SER B 88 -16.24 17.52 3.80
CA SER B 88 -17.06 17.41 5.01
C SER B 88 -16.64 18.46 6.02
N PRO B 89 -17.56 18.92 6.86
CA PRO B 89 -17.21 19.94 7.85
C PRO B 89 -16.27 19.39 8.91
N VAL B 90 -15.36 20.25 9.37
CA VAL B 90 -14.52 19.92 10.51
C VAL B 90 -15.32 20.24 11.77
N SER B 91 -16.10 19.28 12.24
CA SER B 91 -16.88 19.47 13.44
C SER B 91 -16.17 18.76 14.59
N TYR B 92 -16.10 17.44 14.52
CA TYR B 92 -15.25 16.70 15.45
C TYR B 92 -13.80 17.10 15.25
N GLU B 93 -13.08 17.29 16.36
CA GLU B 93 -11.65 17.56 16.31
C GLU B 93 -10.95 16.74 17.37
N ASN B 94 -9.72 16.33 17.05
CA ASN B 94 -8.89 15.64 18.02
C ASN B 94 -7.46 16.14 17.95
N TRP B 95 -7.30 17.46 17.92
CA TRP B 95 -5.97 18.05 17.91
C TRP B 95 -5.24 17.70 19.20
N ALA B 96 -3.93 17.43 19.08
CA ALA B 96 -3.09 17.32 20.26
C ALA B 96 -3.08 18.66 21.00
N TYR B 97 -2.78 18.60 22.29
CA TYR B 97 -2.76 19.82 23.08
C TYR B 97 -1.79 20.83 22.49
N GLY B 98 -2.27 22.07 22.33
CA GLY B 98 -1.47 23.13 21.74
C GLY B 98 -1.56 23.25 20.24
N GLU B 99 -2.20 22.29 19.56
CA GLU B 99 -2.35 22.30 18.12
C GLU B 99 -3.75 22.75 17.75
N PRO B 100 -3.95 23.28 16.53
CA PRO B 100 -2.91 23.57 15.54
C PRO B 100 -2.18 24.87 15.86
N ASN B 101 -0.85 24.87 15.78
CA ASN B 101 -0.04 26.00 16.21
C ASN B 101 0.68 26.72 15.08
N ASN B 102 0.56 26.26 13.85
CA ASN B 102 1.28 26.85 12.71
C ASN B 102 2.75 27.11 13.02
N TYR B 103 3.44 26.08 13.47
CA TYR B 103 4.83 26.22 13.87
C TYR B 103 5.67 26.71 12.69
N GLN B 104 6.37 27.82 12.91
CA GLN B 104 7.19 28.49 11.89
C GLN B 104 6.38 28.99 10.71
N ASN B 105 5.05 29.08 10.85
CA ASN B 105 4.15 29.63 9.84
C ASN B 105 4.11 28.81 8.57
N VAL B 106 4.46 27.52 8.62
CA VAL B 106 4.54 26.71 7.41
C VAL B 106 3.67 25.45 7.49
N GLU B 107 2.73 25.38 8.43
CA GLU B 107 2.00 24.15 8.70
C GLU B 107 0.54 24.29 8.24
N TYR B 108 0.25 23.81 7.03
CA TYR B 108 -1.08 23.96 6.44
C TYR B 108 -1.79 22.64 6.19
N CYS B 109 -1.23 21.53 6.67
CA CYS B 109 -1.82 20.20 6.50
C CYS B 109 -1.82 19.48 7.84
N GLY B 110 -2.67 18.48 7.98
CA GLY B 110 -2.85 17.78 9.25
C GLY B 110 -2.41 16.33 9.16
N GLU B 111 -1.69 15.86 10.18
CA GLU B 111 -1.25 14.48 10.28
C GLU B 111 -1.81 13.85 11.55
N LEU B 112 -2.02 12.54 11.48
CA LEU B 112 -2.52 11.73 12.58
C LEU B 112 -1.34 11.04 13.23
N LYS B 113 -1.29 11.07 14.56
CA LYS B 113 -0.34 10.27 15.32
C LYS B 113 -1.01 8.93 15.61
N GLY B 114 -0.56 7.88 14.95
CA GLY B 114 -1.21 6.58 14.99
C GLY B 114 -0.93 5.78 16.24
N ASP B 115 -1.13 6.38 17.40
CA ASP B 115 -1.05 5.68 18.66
C ASP B 115 -2.45 5.74 19.29
N PRO B 116 -2.70 5.12 20.45
CA PRO B 116 -4.07 5.10 20.97
C PRO B 116 -4.73 6.46 21.10
N THR B 117 -3.96 7.54 21.34
CA THR B 117 -4.57 8.87 21.46
C THR B 117 -5.18 9.36 20.14
N MET B 118 -4.64 8.91 19.01
CA MET B 118 -5.16 9.27 17.68
C MET B 118 -5.23 10.78 17.47
N SER B 119 -4.25 11.50 18.01
CA SER B 119 -4.30 12.96 17.99
C SER B 119 -3.78 13.52 16.68
N TRP B 120 -4.16 14.77 16.40
CA TRP B 120 -3.80 15.45 15.17
C TRP B 120 -2.82 16.58 15.42
N ASN B 121 -1.98 16.83 14.43
CA ASN B 121 -1.02 17.93 14.47
C ASN B 121 -0.96 18.56 13.09
N ASP B 122 -0.91 19.89 13.06
CA ASP B 122 -0.62 20.57 11.80
C ASP B 122 0.89 20.54 11.56
N ILE B 123 1.27 20.24 10.32
CA ILE B 123 2.68 20.13 9.95
CA ILE B 123 2.67 20.08 9.95
C ILE B 123 2.84 20.60 8.51
N ASN B 124 4.09 20.79 8.11
CA ASN B 124 4.40 21.25 6.76
C ASN B 124 3.92 20.24 5.73
N CYS B 125 3.18 20.73 4.73
CA CYS B 125 2.58 19.86 3.72
C CYS B 125 3.61 19.12 2.89
N GLU B 126 4.85 19.59 2.86
CA GLU B 126 5.89 18.95 2.07
C GLU B 126 6.62 17.84 2.81
N HIS B 127 6.27 17.58 4.07
CA HIS B 127 6.84 16.44 4.78
C HIS B 127 6.40 15.15 4.13
N LEU B 128 7.29 14.17 4.11
CA LEU B 128 6.99 12.86 3.56
C LEU B 128 6.41 11.98 4.67
N ASN B 129 5.16 11.58 4.53
CA ASN B 129 4.47 10.80 5.54
C ASN B 129 3.81 9.59 4.88
N ASN B 130 3.41 8.64 5.73
CA ASN B 130 2.40 7.67 5.35
C ASN B 130 1.06 8.39 5.16
N TRP B 131 0.03 7.66 4.73
CA TRP B 131 -1.27 8.31 4.55
C TRP B 131 -2.38 7.30 4.69
N ILE B 132 -3.60 7.81 4.83
CA ILE B 132 -4.79 7.00 4.96
C ILE B 132 -5.77 7.46 3.89
N CYS B 133 -6.21 6.54 3.05
CA CYS B 133 -7.23 6.84 2.05
C CYS B 133 -8.60 6.41 2.55
N GLN B 134 -9.62 7.04 1.98
CA GLN B 134 -11.00 6.58 2.13
C GLN B 134 -11.61 6.41 0.75
N ILE B 135 -12.53 5.47 0.64
CA ILE B 135 -13.36 5.39 -0.55
CA ILE B 135 -13.33 5.26 -0.57
C ILE B 135 -14.78 5.07 -0.15
#